data_1G4U
#
_entry.id   1G4U
#
_cell.length_a   56.722
_cell.length_b   58.260
_cell.length_c   60.324
_cell.angle_alpha   70.03
_cell.angle_beta   69.51
_cell.angle_gamma   65.03
#
_symmetry.space_group_name_H-M   'P 1'
#
loop_
_entity.id
_entity.type
_entity.pdbx_description
1 polymer 'PROTEIN TYROSINE PHOSPHATASE SPTP'
2 polymer 'RAS-RELATED C3 BOTULINUM TOXIN SUBSTRATE 1'
3 non-polymer 'MAGNESIUM ION'
4 non-polymer "GUANOSINE-5'-DIPHOSPHATE"
5 non-polymer 'ALUMINUM FLUORIDE'
6 water water
#
loop_
_entity_poly.entity_id
_entity_poly.type
_entity_poly.pdbx_seq_one_letter_code
_entity_poly.pdbx_strand_id
1 'polypeptide(L)'
;NDVGAESKQPLLDIALKGLKRTLPQLEQMDGNSLRENFQEMASGNGPLRSLMTNLQNLNKIPEAKQLNDYVTTLTNIQVG
VARFSQWGTCGGEVERWVDKASTHELTQAVKKIHVIAKELKNVTAELEKIEAGAPMPQTMSGPTLGLARFAVSSIPINQQ
TQVKLSDGMPVPVNTLTFDGKPVALAGSYPKNTPDALEAHMKMLLEKECSCLVVLTSEDQMQAKQLPPYFRGSYTFGEVH
TNSQKVSSASQGEAIDQYNMQLSCGEKRYTIPVLHVKNWPDHQPLPSTDQLEYLADRVKNSNQNGAPGRSSSDKHLPMIH
CLGGVGRTGTMAAALVLKDNPHSNLEQVRADFRDSRNNRMLEDASQFVQLKAMQAQLLMTTAS
;
S
2 'polypeptide(L)'
;MQAIKCVVVGDGAVGKTCLLISYTTNAFPGEYIPTVFDNYSANVMVDGKPVNLGLWDTAGQEDYDRLRPLSYPQTDVSLI
CFSLVSPASFENVRAKWYPEVRHHCPNTPIILVGTKLDLRDDKDTIEKLKEKKLTPITYPQGLAMAKEIGAVKYLECSAL
TQRGLKTVFDEAIRAVLCPPPVKK
;
R
#
# COMPACT_ATOMS: atom_id res chain seq x y z
N SER A 7 -24.95 -6.23 -3.74
CA SER A 7 -23.63 -6.93 -3.66
C SER A 7 -22.52 -6.10 -3.01
N LYS A 8 -22.69 -4.78 -2.96
CA LYS A 8 -21.67 -3.92 -2.35
C LYS A 8 -21.68 -4.11 -0.86
N GLN A 9 -22.87 -4.31 -0.30
CA GLN A 9 -22.94 -4.52 1.13
C GLN A 9 -22.39 -5.87 1.51
N PRO A 10 -22.69 -6.91 0.74
CA PRO A 10 -22.10 -8.19 1.19
C PRO A 10 -20.54 -8.24 1.08
N LEU A 11 -19.95 -7.62 0.05
CA LEU A 11 -18.49 -7.73 -0.01
C LEU A 11 -17.81 -6.81 1.00
N LEU A 12 -18.63 -5.92 1.55
CA LEU A 12 -18.15 -5.01 2.58
C LEU A 12 -18.01 -5.87 3.86
N ASP A 13 -18.98 -6.77 4.08
CA ASP A 13 -18.95 -7.66 5.25
C ASP A 13 -17.89 -8.77 5.10
N ILE A 14 -17.58 -9.17 3.87
CA ILE A 14 -16.54 -10.18 3.65
C ILE A 14 -15.21 -9.55 4.09
N ALA A 15 -15.01 -8.29 3.73
CA ALA A 15 -13.78 -7.57 4.11
C ALA A 15 -13.65 -7.36 5.63
N LEU A 16 -14.72 -6.93 6.30
CA LEU A 16 -14.65 -6.71 7.75
C LEU A 16 -14.26 -8.00 8.51
N LYS A 17 -15.01 -9.08 8.30
CA LYS A 17 -14.72 -10.33 9.00
C LYS A 17 -13.35 -10.89 8.64
N GLY A 18 -12.91 -10.62 7.40
CA GLY A 18 -11.60 -11.08 6.95
C GLY A 18 -10.41 -10.40 7.60
N LEU A 19 -10.47 -9.08 7.80
CA LEU A 19 -9.37 -8.35 8.45
C LEU A 19 -9.35 -8.65 9.94
N LYS A 20 -10.54 -8.75 10.51
CA LYS A 20 -10.65 -9.02 11.94
C LYS A 20 -9.85 -10.24 12.36
N ARG A 21 -9.75 -11.23 11.48
CA ARG A 21 -9.01 -12.43 11.84
C ARG A 21 -7.68 -12.62 11.10
N THR A 22 -7.56 -12.04 9.91
CA THR A 22 -6.32 -12.16 9.16
C THR A 22 -5.21 -11.30 9.81
N LEU A 23 -5.52 -10.04 10.10
CA LEU A 23 -4.55 -9.08 10.67
C LEU A 23 -3.79 -9.48 11.94
N PRO A 24 -4.48 -10.05 12.94
CA PRO A 24 -3.73 -10.44 14.14
C PRO A 24 -2.76 -11.57 13.81
N GLN A 25 -3.03 -12.28 12.72
CA GLN A 25 -2.13 -13.36 12.30
C GLN A 25 -0.83 -12.78 11.74
N LEU A 26 -0.90 -11.79 10.86
CA LEU A 26 0.33 -11.19 10.34
C LEU A 26 1.14 -10.56 11.47
N GLU A 27 0.48 -10.09 12.54
CA GLU A 27 1.19 -9.48 13.67
C GLU A 27 2.05 -10.45 14.46
N GLN A 28 1.73 -11.73 14.34
CA GLN A 28 2.48 -12.75 15.07
C GLN A 28 3.51 -13.48 14.19
N MET A 29 3.81 -12.95 13.00
CA MET A 29 4.79 -13.59 12.14
C MET A 29 6.22 -13.52 12.69
N ASP A 30 7.04 -14.57 12.46
CA ASP A 30 8.49 -14.60 12.87
C ASP A 30 9.25 -15.01 11.59
N GLY A 31 10.46 -14.49 11.41
CA GLY A 31 11.22 -14.84 10.22
C GLY A 31 11.40 -16.31 9.89
N ASN A 32 11.86 -17.09 10.86
CA ASN A 32 12.12 -18.51 10.65
C ASN A 32 10.90 -19.35 10.30
N SER A 33 9.83 -19.13 11.06
CA SER A 33 8.58 -19.85 10.85
C SER A 33 8.01 -19.46 9.46
N LEU A 34 8.33 -18.24 9.01
CA LEU A 34 7.87 -17.73 7.71
C LEU A 34 8.68 -18.27 6.52
N ARG A 35 10.01 -18.19 6.60
CA ARG A 35 10.85 -18.66 5.49
C ARG A 35 10.43 -20.08 5.11
N GLU A 36 10.06 -20.83 6.14
CA GLU A 36 9.64 -22.23 6.09
C GLU A 36 8.17 -22.45 5.67
N ASN A 37 7.35 -21.40 5.77
CA ASN A 37 5.94 -21.54 5.42
C ASN A 37 5.37 -20.45 4.51
N PHE A 38 6.23 -19.65 3.87
CA PHE A 38 5.73 -18.57 3.01
C PHE A 38 4.74 -19.03 1.93
N GLN A 39 5.09 -20.11 1.23
CA GLN A 39 4.27 -20.63 0.14
C GLN A 39 2.85 -20.94 0.58
N GLU A 40 2.71 -21.50 1.78
CA GLU A 40 1.38 -21.82 2.30
C GLU A 40 0.61 -20.51 2.61
N MET A 41 1.29 -19.55 3.23
CA MET A 41 0.66 -18.28 3.59
C MET A 41 0.23 -17.47 2.38
N ALA A 42 0.93 -17.68 1.27
CA ALA A 42 0.67 -16.98 0.02
C ALA A 42 -0.12 -17.80 -0.99
N SER A 43 -0.86 -18.80 -0.52
CA SER A 43 -1.68 -19.59 -1.44
C SER A 43 -2.95 -20.14 -0.76
N GLY A 44 -3.93 -20.56 -1.56
CA GLY A 44 -5.19 -21.08 -1.02
C GLY A 44 -5.91 -20.15 -0.06
N ASN A 45 -6.19 -20.61 1.16
CA ASN A 45 -6.85 -19.80 2.20
C ASN A 45 -5.88 -19.21 3.25
N GLY A 46 -4.59 -19.09 2.91
CA GLY A 46 -3.61 -18.53 3.84
C GLY A 46 -3.80 -17.05 4.11
N PRO A 47 -3.38 -16.53 5.28
CA PRO A 47 -3.51 -15.12 5.65
C PRO A 47 -2.98 -14.03 4.73
N LEU A 48 -1.79 -14.22 4.18
CA LEU A 48 -1.22 -13.22 3.27
C LEU A 48 -2.04 -13.10 1.97
N ARG A 49 -2.31 -14.21 1.30
CA ARG A 49 -3.08 -14.12 0.05
C ARG A 49 -4.52 -13.69 0.33
N SER A 50 -5.13 -14.33 1.32
CA SER A 50 -6.51 -14.04 1.68
C SER A 50 -6.67 -12.56 2.04
N LEU A 51 -5.68 -12.01 2.76
CA LEU A 51 -5.76 -10.59 3.12
C LEU A 51 -5.72 -9.67 1.90
N MET A 52 -4.83 -9.94 0.95
CA MET A 52 -4.75 -9.10 -0.25
C MET A 52 -6.05 -9.17 -1.06
N THR A 53 -6.69 -10.34 -1.08
CA THR A 53 -7.94 -10.49 -1.84
C THR A 53 -9.08 -9.65 -1.24
N ASN A 54 -9.19 -9.64 0.10
CA ASN A 54 -10.22 -8.89 0.81
C ASN A 54 -10.08 -7.40 0.52
N LEU A 55 -8.85 -6.90 0.51
CA LEU A 55 -8.64 -5.48 0.22
C LEU A 55 -9.07 -5.15 -1.21
N GLN A 56 -8.94 -6.07 -2.16
CA GLN A 56 -9.35 -5.81 -3.53
C GLN A 56 -10.84 -5.47 -3.61
N ASN A 57 -11.61 -5.94 -2.63
CA ASN A 57 -13.05 -5.69 -2.58
C ASN A 57 -13.42 -4.19 -2.71
N LEU A 58 -12.63 -3.33 -2.06
CA LEU A 58 -12.89 -1.91 -2.07
C LEU A 58 -12.67 -1.24 -3.42
N ASN A 59 -11.94 -1.91 -4.31
CA ASN A 59 -11.66 -1.36 -5.63
C ASN A 59 -12.90 -1.48 -6.51
N LYS A 60 -13.87 -2.29 -6.07
CA LYS A 60 -15.13 -2.47 -6.81
C LYS A 60 -16.21 -1.46 -6.40
N ILE A 61 -15.98 -0.68 -5.34
CA ILE A 61 -16.97 0.29 -4.84
C ILE A 61 -16.58 1.76 -5.04
N PRO A 62 -17.04 2.39 -6.14
CA PRO A 62 -16.72 3.79 -6.43
C PRO A 62 -16.87 4.78 -5.26
N GLU A 63 -17.82 4.49 -4.37
CA GLU A 63 -18.07 5.34 -3.20
C GLU A 63 -16.94 5.30 -2.15
N ALA A 64 -16.16 4.21 -2.14
CA ALA A 64 -15.07 4.06 -1.19
C ALA A 64 -13.76 4.65 -1.72
N LYS A 65 -13.88 5.53 -2.71
CA LYS A 65 -12.73 6.18 -3.31
C LYS A 65 -11.65 6.58 -2.31
N GLN A 66 -12.04 7.38 -1.32
CA GLN A 66 -11.07 7.85 -0.33
C GLN A 66 -10.35 6.71 0.38
N LEU A 67 -11.11 5.72 0.85
CA LEU A 67 -10.55 4.59 1.57
C LEU A 67 -9.64 3.74 0.66
N ASN A 68 -10.01 3.67 -0.62
CA ASN A 68 -9.25 2.90 -1.60
C ASN A 68 -7.90 3.55 -1.91
N ASP A 69 -7.84 4.88 -2.00
CA ASP A 69 -6.54 5.55 -2.27
C ASP A 69 -5.59 5.28 -1.10
N TYR A 70 -6.16 5.25 0.09
CA TYR A 70 -5.45 5.01 1.35
C TYR A 70 -4.81 3.62 1.31
N VAL A 71 -5.61 2.60 0.99
CA VAL A 71 -5.15 1.23 0.91
C VAL A 71 -4.07 1.09 -0.15
N THR A 72 -4.35 1.59 -1.34
CA THR A 72 -3.42 1.53 -2.46
C THR A 72 -2.04 2.05 -2.02
N THR A 73 -2.03 3.15 -1.26
CA THR A 73 -0.75 3.69 -0.80
C THR A 73 -0.01 2.66 0.08
N LEU A 74 -0.71 2.07 1.04
CA LEU A 74 -0.09 1.06 1.93
C LEU A 74 0.42 -0.17 1.17
N THR A 75 -0.35 -0.67 0.21
CA THR A 75 0.06 -1.87 -0.52
C THR A 75 1.12 -1.63 -1.61
N ASN A 76 1.57 -0.39 -1.77
CA ASN A 76 2.58 -0.09 -2.76
C ASN A 76 3.92 0.23 -2.10
N ILE A 77 3.97 0.09 -0.78
CA ILE A 77 5.20 0.35 -0.02
C ILE A 77 6.15 -0.81 -0.28
N GLN A 78 7.43 -0.51 -0.45
CA GLN A 78 8.41 -1.56 -0.71
C GLN A 78 8.75 -2.33 0.57
N VAL A 79 8.69 -3.66 0.51
CA VAL A 79 9.00 -4.47 1.70
C VAL A 79 10.27 -5.30 1.54
N GLY A 80 10.35 -6.09 0.48
CA GLY A 80 11.60 -6.80 0.26
C GLY A 80 12.25 -5.95 -0.84
N VAL A 81 12.08 -6.41 -2.06
CA VAL A 81 12.56 -5.70 -3.23
C VAL A 81 11.33 -5.58 -4.11
N ALA A 82 10.17 -5.63 -3.47
CA ALA A 82 8.88 -5.54 -4.17
C ALA A 82 7.82 -4.79 -3.35
N ARG A 83 6.72 -4.42 -4.01
CA ARG A 83 5.60 -3.75 -3.34
C ARG A 83 4.95 -4.80 -2.42
N PHE A 84 4.47 -4.35 -1.27
CA PHE A 84 3.82 -5.22 -0.29
C PHE A 84 2.78 -6.15 -0.92
N SER A 85 2.05 -5.65 -1.90
CA SER A 85 0.99 -6.42 -2.57
C SER A 85 1.50 -7.69 -3.27
N GLN A 86 2.79 -7.73 -3.61
CA GLN A 86 3.33 -8.90 -4.30
C GLN A 86 3.69 -10.02 -3.31
N TRP A 87 3.51 -9.76 -2.02
CA TRP A 87 3.72 -10.76 -0.97
C TRP A 87 2.45 -11.64 -0.79
N GLY A 88 1.45 -11.40 -1.63
CA GLY A 88 0.22 -12.18 -1.53
C GLY A 88 0.16 -13.35 -2.49
N THR A 89 1.27 -13.59 -3.20
CA THR A 89 1.29 -14.68 -4.19
C THR A 89 2.53 -15.59 -4.14
N CYS A 90 2.42 -16.80 -4.68
CA CYS A 90 3.53 -17.77 -4.72
C CYS A 90 4.17 -17.84 -6.10
N GLY A 91 5.33 -18.48 -6.16
CA GLY A 91 6.06 -18.65 -7.42
C GLY A 91 6.60 -17.43 -8.17
N GLY A 92 6.61 -16.26 -7.55
CA GLY A 92 7.09 -15.07 -8.23
C GLY A 92 8.33 -14.48 -7.59
N GLU A 93 8.47 -13.16 -7.70
CA GLU A 93 9.64 -12.49 -7.17
C GLU A 93 9.87 -12.59 -5.66
N VAL A 94 8.82 -12.51 -4.86
CA VAL A 94 9.02 -12.59 -3.42
C VAL A 94 9.52 -13.99 -3.04
N GLU A 95 8.85 -15.03 -3.51
CA GLU A 95 9.28 -16.39 -3.19
C GLU A 95 10.78 -16.59 -3.54
N ARG A 96 11.20 -16.14 -4.72
CA ARG A 96 12.60 -16.25 -5.09
C ARG A 96 13.48 -15.49 -4.11
N TRP A 97 13.07 -14.29 -3.75
CA TRP A 97 13.82 -13.49 -2.79
C TRP A 97 13.90 -14.13 -1.39
N VAL A 98 12.74 -14.51 -0.84
CA VAL A 98 12.66 -15.12 0.49
C VAL A 98 13.53 -16.37 0.62
N ASP A 99 13.54 -17.20 -0.42
CA ASP A 99 14.35 -18.42 -0.44
C ASP A 99 15.83 -18.16 -0.13
N LYS A 100 16.41 -17.15 -0.76
CA LYS A 100 17.83 -16.83 -0.52
C LYS A 100 18.13 -15.61 0.34
N ALA A 101 17.12 -15.06 1.00
CA ALA A 101 17.32 -13.89 1.85
C ALA A 101 18.18 -14.30 3.04
N SER A 102 19.01 -13.39 3.54
CA SER A 102 19.82 -13.68 4.72
C SER A 102 18.92 -13.36 5.89
N THR A 103 19.22 -13.93 7.06
CA THR A 103 18.41 -13.71 8.25
C THR A 103 18.19 -12.22 8.54
N HIS A 104 19.24 -11.44 8.39
CA HIS A 104 19.21 -10.01 8.58
C HIS A 104 18.16 -9.36 7.64
N GLU A 105 18.18 -9.74 6.37
CA GLU A 105 17.23 -9.19 5.42
C GLU A 105 15.81 -9.65 5.76
N LEU A 106 15.67 -10.93 6.12
CA LEU A 106 14.35 -11.45 6.44
C LEU A 106 13.77 -10.73 7.64
N THR A 107 14.60 -10.45 8.64
CA THR A 107 14.10 -9.80 9.84
C THR A 107 13.58 -8.38 9.64
N GLN A 108 14.25 -7.60 8.80
CA GLN A 108 13.80 -6.24 8.57
C GLN A 108 12.48 -6.26 7.79
N ALA A 109 12.34 -7.21 6.88
CA ALA A 109 11.10 -7.33 6.12
C ALA A 109 9.93 -7.68 7.06
N VAL A 110 10.17 -8.58 8.03
CA VAL A 110 9.13 -9.01 8.96
C VAL A 110 8.59 -7.83 9.78
N LYS A 111 9.48 -6.91 10.17
CA LYS A 111 9.07 -5.74 10.94
C LYS A 111 8.12 -4.86 10.14
N LYS A 112 8.41 -4.67 8.85
CA LYS A 112 7.55 -3.84 8.00
C LYS A 112 6.14 -4.42 7.92
N ILE A 113 6.04 -5.75 7.87
CA ILE A 113 4.74 -6.42 7.81
C ILE A 113 3.99 -6.18 9.12
N HIS A 114 4.70 -6.27 10.25
CA HIS A 114 4.09 -6.00 11.55
C HIS A 114 3.44 -4.61 11.59
N VAL A 115 4.22 -3.58 11.28
CA VAL A 115 3.69 -2.21 11.33
C VAL A 115 2.60 -1.98 10.29
N ILE A 116 2.76 -2.49 9.08
CA ILE A 116 1.71 -2.27 8.08
C ILE A 116 0.41 -2.98 8.51
N ALA A 117 0.53 -4.14 9.14
CA ALA A 117 -0.62 -4.91 9.58
C ALA A 117 -1.40 -4.11 10.61
N LYS A 118 -0.68 -3.58 11.58
CA LYS A 118 -1.28 -2.79 12.63
C LYS A 118 -2.00 -1.58 12.09
N GLU A 119 -1.34 -0.87 11.18
CA GLU A 119 -1.91 0.34 10.56
C GLU A 119 -3.22 -0.02 9.85
N LEU A 120 -3.23 -1.17 9.20
CA LEU A 120 -4.40 -1.62 8.46
C LEU A 120 -5.65 -1.83 9.35
N LYS A 121 -5.51 -1.75 10.67
CA LYS A 121 -6.68 -1.90 11.56
C LYS A 121 -7.56 -0.63 11.50
N ASN A 122 -7.01 0.46 10.96
CA ASN A 122 -7.76 1.70 10.83
C ASN A 122 -8.84 1.51 9.78
N VAL A 123 -8.61 0.60 8.85
CA VAL A 123 -9.59 0.30 7.82
C VAL A 123 -10.70 -0.51 8.48
N THR A 124 -10.32 -1.40 9.38
CA THR A 124 -11.30 -2.20 10.13
C THR A 124 -12.29 -1.25 10.81
N ALA A 125 -11.73 -0.22 11.47
CA ALA A 125 -12.48 0.80 12.19
C ALA A 125 -13.46 1.56 11.30
N GLU A 126 -13.05 1.89 10.08
CA GLU A 126 -13.95 2.60 9.17
C GLU A 126 -15.09 1.63 8.79
N LEU A 127 -14.75 0.37 8.52
CA LEU A 127 -15.78 -0.60 8.13
C LEU A 127 -16.81 -0.83 9.25
N GLU A 128 -16.39 -0.75 10.50
CA GLU A 128 -17.31 -0.94 11.61
C GLU A 128 -18.31 0.23 11.75
N LYS A 129 -17.86 1.42 11.39
CA LYS A 129 -18.70 2.60 11.44
C LYS A 129 -19.81 2.39 10.40
N ILE A 130 -19.45 1.87 9.24
CA ILE A 130 -20.41 1.66 8.18
C ILE A 130 -21.41 0.59 8.57
N GLU A 131 -20.98 -0.37 9.38
CA GLU A 131 -21.86 -1.42 9.84
C GLU A 131 -22.99 -0.77 10.67
N ALA A 132 -22.73 0.38 11.29
CA ALA A 132 -23.76 1.10 12.04
C ALA A 132 -24.21 2.26 11.12
N GLY A 133 -24.11 3.51 11.57
CA GLY A 133 -24.47 4.59 10.68
C GLY A 133 -23.51 4.51 9.50
N ALA A 134 -24.02 4.20 8.31
CA ALA A 134 -23.16 4.01 7.12
C ALA A 134 -22.79 5.15 6.18
N PRO A 135 -22.39 6.34 6.69
CA PRO A 135 -22.05 7.34 5.67
C PRO A 135 -20.64 7.09 5.16
N MET A 136 -20.52 6.81 3.86
CA MET A 136 -19.21 6.55 3.29
C MET A 136 -18.35 7.81 3.51
N PRO A 137 -17.35 7.74 4.40
CA PRO A 137 -16.47 8.87 4.69
C PRO A 137 -15.87 9.53 3.45
N GLN A 138 -15.74 10.85 3.47
CA GLN A 138 -15.18 11.54 2.32
C GLN A 138 -13.82 12.12 2.66
N THR A 139 -13.27 11.68 3.79
CA THR A 139 -11.95 12.10 4.26
C THR A 139 -11.29 10.98 5.07
N MET A 140 -10.02 10.72 4.76
CA MET A 140 -9.22 9.71 5.45
C MET A 140 -7.80 10.29 5.58
N SER A 141 -7.34 10.47 6.81
CA SER A 141 -5.98 10.97 7.02
C SER A 141 -5.03 9.96 6.39
N GLY A 142 -3.82 10.41 6.02
CA GLY A 142 -2.83 9.52 5.43
C GLY A 142 -2.24 8.61 6.51
N PRO A 143 -1.51 7.55 6.14
CA PRO A 143 -0.92 6.63 7.13
C PRO A 143 0.23 7.19 7.98
N THR A 144 0.43 6.62 9.17
CA THR A 144 1.50 7.07 10.08
C THR A 144 2.53 5.98 10.44
N LEU A 145 2.16 4.72 10.20
CA LEU A 145 3.02 3.57 10.47
C LEU A 145 3.87 3.62 11.75
N GLY A 146 3.30 4.11 12.83
CA GLY A 146 4.07 4.18 14.08
C GLY A 146 5.09 5.30 14.19
N LEU A 147 5.24 6.11 13.14
CA LEU A 147 6.22 7.21 13.13
C LEU A 147 5.76 8.60 13.61
N ALA A 148 4.45 8.86 13.60
CA ALA A 148 3.93 10.15 14.02
C ALA A 148 3.98 10.34 15.53
N ARG A 149 4.27 11.57 15.93
CA ARG A 149 4.35 11.94 17.34
C ARG A 149 2.94 12.01 17.97
N PHE A 150 1.97 12.53 17.22
CA PHE A 150 0.61 12.61 17.76
C PHE A 150 -0.35 11.73 16.98
N ALA A 151 -1.47 11.35 17.60
CA ALA A 151 -2.46 10.50 16.92
C ALA A 151 -3.14 11.34 15.84
N VAL A 152 -3.61 10.72 14.75
CA VAL A 152 -4.24 11.51 13.68
C VAL A 152 -5.55 12.13 14.10
N SER A 153 -6.14 11.59 15.17
CA SER A 153 -7.43 12.09 15.66
C SER A 153 -7.20 13.45 16.31
N SER A 154 -5.96 13.72 16.69
CA SER A 154 -5.60 14.98 17.31
C SER A 154 -4.85 15.94 16.33
N ILE A 155 -4.08 15.36 15.41
CA ILE A 155 -3.31 16.08 14.37
C ILE A 155 -3.53 15.28 13.06
N PRO A 156 -4.54 15.65 12.27
CA PRO A 156 -4.75 14.89 11.03
C PRO A 156 -3.79 15.27 9.92
N ILE A 157 -3.69 14.39 8.93
CA ILE A 157 -2.79 14.59 7.81
C ILE A 157 -3.46 14.43 6.44
N ASN A 158 -3.53 15.51 5.67
CA ASN A 158 -4.15 15.47 4.34
C ASN A 158 -3.36 14.40 3.56
N GLN A 159 -4.04 13.37 3.06
CA GLN A 159 -3.36 12.28 2.34
C GLN A 159 -2.92 12.64 0.91
N GLN A 160 -3.62 13.58 0.27
CA GLN A 160 -3.25 14.01 -1.08
C GLN A 160 -1.93 14.80 -1.10
N THR A 161 -1.67 15.59 -0.06
CA THR A 161 -0.44 16.38 -0.04
C THR A 161 0.68 15.82 0.86
N GLN A 162 0.47 14.63 1.44
CA GLN A 162 1.48 13.99 2.31
C GLN A 162 2.78 13.69 1.55
N VAL A 163 3.90 13.84 2.23
CA VAL A 163 5.20 13.58 1.62
C VAL A 163 5.52 12.08 1.60
N LYS A 164 6.09 11.62 0.49
CA LYS A 164 6.47 10.22 0.35
C LYS A 164 7.90 10.06 -0.15
N LEU A 165 8.65 9.18 0.52
CA LEU A 165 10.03 8.85 0.14
C LEU A 165 10.02 8.04 -1.14
N SER A 166 11.17 7.96 -1.79
CA SER A 166 11.31 7.24 -3.06
C SER A 166 10.91 5.77 -3.03
N ASP A 167 10.88 5.15 -1.85
CA ASP A 167 10.49 3.73 -1.77
C ASP A 167 9.00 3.53 -1.44
N GLY A 168 8.23 4.62 -1.41
CA GLY A 168 6.80 4.52 -1.13
C GLY A 168 6.37 4.87 0.29
N MET A 169 7.35 5.02 1.19
CA MET A 169 7.09 5.33 2.60
C MET A 169 6.57 6.74 2.88
N PRO A 170 5.36 6.84 3.46
CA PRO A 170 4.80 8.14 3.78
C PRO A 170 5.29 8.58 5.15
N VAL A 171 5.65 9.84 5.27
CA VAL A 171 6.12 10.40 6.52
C VAL A 171 5.09 11.44 7.05
N PRO A 172 5.19 11.82 8.32
CA PRO A 172 4.23 12.79 8.85
C PRO A 172 4.57 14.24 8.51
N VAL A 173 4.46 14.59 7.22
CA VAL A 173 4.76 15.96 6.74
C VAL A 173 3.91 16.29 5.49
N ASN A 174 3.41 17.53 5.38
CA ASN A 174 2.61 17.94 4.20
C ASN A 174 3.24 19.12 3.44
N THR A 175 2.95 19.22 2.15
CA THR A 175 3.44 20.34 1.33
C THR A 175 2.37 21.44 1.30
N LEU A 176 2.58 22.54 2.02
CA LEU A 176 1.61 23.63 2.02
C LEU A 176 1.61 24.45 0.72
N THR A 177 0.43 24.88 0.29
CA THR A 177 0.31 25.68 -0.94
C THR A 177 -0.70 26.84 -0.81
N PHE A 178 -0.43 27.92 -1.55
CA PHE A 178 -1.28 29.12 -1.57
C PHE A 178 -1.42 29.74 -2.96
N ASP A 179 -2.64 30.14 -3.31
CA ASP A 179 -2.93 30.76 -4.60
C ASP A 179 -2.29 29.96 -5.74
N GLY A 180 -2.27 28.64 -5.58
CA GLY A 180 -1.73 27.79 -6.65
C GLY A 180 -0.28 27.37 -6.60
N LYS A 181 0.51 27.90 -5.66
CA LYS A 181 1.92 27.52 -5.59
C LYS A 181 2.34 27.03 -4.21
N PRO A 182 3.25 26.05 -4.16
CA PRO A 182 3.75 25.50 -2.91
C PRO A 182 4.62 26.51 -2.17
N VAL A 183 4.56 26.46 -0.85
CA VAL A 183 5.32 27.38 -0.02
C VAL A 183 6.40 26.73 0.85
N ALA A 184 6.14 25.53 1.35
CA ALA A 184 7.06 24.83 2.25
C ALA A 184 6.51 23.48 2.71
N LEU A 185 7.37 22.69 3.37
CA LEU A 185 7.00 21.39 3.92
C LEU A 185 6.79 21.53 5.41
N ALA A 186 5.58 21.22 5.88
CA ALA A 186 5.24 21.36 7.30
C ALA A 186 4.96 20.02 8.00
N GLY A 187 5.47 19.88 9.24
CA GLY A 187 5.28 18.67 10.02
C GLY A 187 5.48 18.83 11.52
N SER A 188 5.07 17.84 12.31
CA SER A 188 5.24 17.86 13.77
C SER A 188 6.69 17.47 14.15
N TYR A 189 7.13 17.84 15.35
CA TYR A 189 8.47 17.51 15.87
C TYR A 189 8.69 16.00 15.79
N PRO A 190 9.74 15.56 15.10
CA PRO A 190 10.03 14.13 14.95
C PRO A 190 9.94 13.29 16.23
N LYS A 191 9.38 12.09 16.06
CA LYS A 191 9.22 11.12 17.16
C LYS A 191 10.60 10.57 17.51
N ASN A 192 10.87 10.40 18.81
CA ASN A 192 12.17 9.92 19.24
C ASN A 192 12.43 8.44 18.98
N THR A 193 12.49 8.10 17.69
CA THR A 193 12.72 6.73 17.30
C THR A 193 13.65 6.61 16.11
N PRO A 194 14.56 5.63 16.15
CA PRO A 194 15.53 5.39 15.08
C PRO A 194 14.86 5.47 13.72
N ASP A 195 13.73 4.80 13.60
CA ASP A 195 12.98 4.76 12.36
C ASP A 195 12.28 6.10 12.07
N ALA A 196 11.83 6.78 13.12
CA ALA A 196 11.16 8.06 12.91
C ALA A 196 12.21 9.08 12.47
N LEU A 197 13.33 9.10 13.18
CA LEU A 197 14.41 10.02 12.88
C LEU A 197 15.07 9.76 11.52
N GLU A 198 15.22 8.50 11.15
CA GLU A 198 15.85 8.17 9.87
C GLU A 198 15.03 8.70 8.71
N ALA A 199 13.72 8.48 8.78
CA ALA A 199 12.81 8.92 7.71
C ALA A 199 12.85 10.41 7.50
N HIS A 200 12.98 11.14 8.61
CA HIS A 200 13.04 12.60 8.59
C HIS A 200 14.25 13.07 7.75
N MET A 201 15.45 12.68 8.18
CA MET A 201 16.69 13.07 7.50
C MET A 201 16.64 12.70 6.04
N LYS A 202 16.15 11.49 5.79
CA LYS A 202 16.02 10.98 4.45
C LYS A 202 15.22 11.96 3.57
N MET A 203 14.14 12.51 4.12
CA MET A 203 13.32 13.46 3.38
C MET A 203 14.05 14.76 3.00
N LEU A 204 14.78 15.32 3.97
CA LEU A 204 15.53 16.55 3.72
C LEU A 204 16.37 16.49 2.45
N LEU A 205 17.10 15.40 2.26
CA LEU A 205 17.94 15.34 1.06
C LEU A 205 17.25 14.91 -0.22
N GLU A 206 16.25 14.04 -0.11
CA GLU A 206 15.55 13.60 -1.30
C GLU A 206 14.75 14.78 -1.85
N LYS A 207 14.27 15.62 -0.96
CA LYS A 207 13.51 16.78 -1.38
C LYS A 207 14.41 17.98 -1.63
N GLU A 208 15.65 17.86 -1.18
CA GLU A 208 16.62 18.93 -1.35
C GLU A 208 15.97 20.22 -0.87
N CYS A 209 15.74 20.26 0.43
CA CYS A 209 15.12 21.41 1.07
C CYS A 209 16.14 22.55 1.20
N SER A 210 15.71 23.78 0.91
CA SER A 210 16.60 24.93 1.01
C SER A 210 17.13 25.09 2.41
N CYS A 211 16.32 24.74 3.40
CA CYS A 211 16.77 24.79 4.79
C CYS A 211 15.78 24.14 5.74
N LEU A 212 16.22 23.99 6.99
CA LEU A 212 15.42 23.38 8.06
C LEU A 212 15.24 24.41 9.16
N VAL A 213 13.99 24.67 9.54
CA VAL A 213 13.67 25.66 10.58
C VAL A 213 13.04 24.95 11.79
N VAL A 214 13.49 25.28 13.00
CA VAL A 214 13.01 24.67 14.25
C VAL A 214 12.53 25.75 15.23
N LEU A 215 11.24 25.73 15.60
CA LEU A 215 10.69 26.79 16.47
C LEU A 215 10.49 26.53 17.98
N THR A 216 10.87 25.34 18.48
CA THR A 216 10.70 25.07 19.90
C THR A 216 11.89 25.59 20.73
N SER A 217 11.59 26.18 21.89
CA SER A 217 12.59 26.70 22.84
C SER A 217 13.30 25.53 23.54
N GLU A 218 14.37 25.85 24.26
CA GLU A 218 15.14 24.85 25.02
C GLU A 218 14.22 24.30 26.11
N ASP A 219 13.60 25.21 26.84
CA ASP A 219 12.69 24.87 27.92
C ASP A 219 11.65 23.82 27.51
N GLN A 220 11.00 24.02 26.36
CA GLN A 220 9.99 23.07 25.90
C GLN A 220 10.60 21.73 25.50
N MET A 221 11.74 21.78 24.81
CA MET A 221 12.42 20.55 24.40
C MET A 221 12.79 19.74 25.65
N GLN A 222 12.82 20.42 26.79
CA GLN A 222 13.16 19.81 28.05
C GLN A 222 11.94 19.15 28.68
N ALA A 223 11.00 19.98 29.12
CA ALA A 223 9.79 19.50 29.76
C ALA A 223 9.13 18.38 28.97
N LYS A 224 9.29 18.41 27.66
CA LYS A 224 8.68 17.39 26.80
C LYS A 224 9.70 16.38 26.33
N GLN A 225 10.97 16.63 26.65
CA GLN A 225 12.04 15.74 26.27
C GLN A 225 12.10 15.55 24.76
N LEU A 226 12.36 16.63 24.03
CA LEU A 226 12.43 16.57 22.58
C LEU A 226 13.88 16.47 22.11
N PRO A 227 14.22 15.39 21.39
CA PRO A 227 15.55 15.10 20.84
C PRO A 227 16.24 16.19 20.00
N PRO A 228 17.41 16.66 20.45
CA PRO A 228 18.20 17.70 19.77
C PRO A 228 19.09 17.09 18.68
N TYR A 229 18.44 16.55 17.66
CA TYR A 229 19.09 15.88 16.55
C TYR A 229 19.84 16.82 15.57
N PHE A 230 19.61 18.12 15.67
CA PHE A 230 20.27 19.08 14.77
C PHE A 230 21.53 19.69 15.36
N ARG A 231 22.04 19.09 16.44
CA ARG A 231 23.24 19.57 17.09
C ARG A 231 24.48 18.71 16.80
N GLY A 232 24.74 17.71 17.63
CA GLY A 232 25.92 16.90 17.40
C GLY A 232 25.90 16.05 16.13
N SER A 233 26.37 14.82 16.27
CA SER A 233 26.38 13.89 15.17
C SER A 233 25.84 12.56 15.66
N TYR A 234 25.01 11.94 14.83
CA TYR A 234 24.41 10.67 15.16
C TYR A 234 24.22 9.89 13.88
N THR A 235 23.75 8.66 14.01
CA THR A 235 23.50 7.81 12.85
C THR A 235 22.24 7.00 13.11
N PHE A 236 21.26 7.16 12.23
CA PHE A 236 19.97 6.47 12.34
C PHE A 236 19.80 5.59 11.12
N GLY A 237 19.68 4.29 11.36
CA GLY A 237 19.55 3.38 10.25
C GLY A 237 20.80 3.54 9.41
N GLU A 238 20.63 3.97 8.17
CA GLU A 238 21.77 4.14 7.31
C GLU A 238 22.17 5.58 7.08
N VAL A 239 21.61 6.49 7.89
CA VAL A 239 21.92 7.90 7.72
C VAL A 239 22.71 8.49 8.89
N HIS A 240 23.70 9.31 8.56
CA HIS A 240 24.52 9.96 9.58
C HIS A 240 24.43 11.47 9.41
N THR A 241 24.56 12.19 10.52
CA THR A 241 24.46 13.63 10.49
C THR A 241 25.57 14.36 11.20
N ASN A 242 26.10 15.37 10.52
CA ASN A 242 27.17 16.19 11.05
C ASN A 242 26.74 17.66 10.98
N SER A 243 26.45 18.26 12.14
CA SER A 243 26.02 19.65 12.18
C SER A 243 26.83 20.45 13.19
N GLN A 244 27.43 21.54 12.71
CA GLN A 244 28.25 22.39 13.56
C GLN A 244 27.68 23.79 13.71
N LYS A 245 27.70 24.34 14.92
CA LYS A 245 27.17 25.67 15.16
C LYS A 245 28.06 26.73 14.51
N VAL A 246 27.47 27.57 13.66
CA VAL A 246 28.18 28.63 12.96
C VAL A 246 27.95 30.03 13.57
N SER A 247 26.82 30.23 14.26
CA SER A 247 26.50 31.54 14.83
C SER A 247 27.23 31.98 16.12
N SER A 248 26.76 33.12 16.67
CA SER A 248 27.31 33.79 17.85
C SER A 248 27.38 33.16 19.25
N ALA A 249 28.15 33.87 20.08
CA ALA A 249 28.49 33.58 21.48
C ALA A 249 27.59 32.69 22.36
N SER A 250 26.94 33.27 23.37
CA SER A 250 26.10 32.49 24.27
C SER A 250 24.67 32.99 24.50
N GLN A 251 24.53 34.05 25.31
CA GLN A 251 23.23 34.63 25.64
C GLN A 251 22.54 35.30 24.44
N GLY A 252 21.31 35.78 24.65
CA GLY A 252 20.58 36.43 23.58
C GLY A 252 20.54 35.54 22.34
N GLU A 253 20.08 34.31 22.55
CA GLU A 253 19.99 33.32 21.48
C GLU A 253 18.78 33.57 20.58
N ALA A 254 18.71 34.73 19.95
CA ALA A 254 17.59 35.01 19.07
C ALA A 254 17.53 33.86 18.07
N ILE A 255 18.66 33.62 17.41
CA ILE A 255 18.78 32.57 16.41
C ILE A 255 20.16 31.90 16.45
N ASP A 256 20.18 30.57 16.34
CA ASP A 256 21.43 29.82 16.30
C ASP A 256 21.45 29.18 14.91
N GLN A 257 22.48 29.46 14.11
CA GLN A 257 22.60 28.89 12.77
C GLN A 257 23.61 27.75 12.78
N TYR A 258 23.29 26.66 12.07
CA TYR A 258 24.17 25.51 11.97
C TYR A 258 24.38 25.16 10.50
N ASN A 259 25.26 24.20 10.27
CA ASN A 259 25.59 23.70 8.93
C ASN A 259 25.53 22.19 9.00
N MET A 260 24.59 21.60 8.27
CA MET A 260 24.38 20.16 8.28
C MET A 260 24.76 19.40 7.01
N GLN A 261 25.52 18.35 7.20
CA GLN A 261 25.97 17.48 6.12
C GLN A 261 25.29 16.14 6.32
N LEU A 262 24.56 15.71 5.30
CA LEU A 262 23.84 14.44 5.36
C LEU A 262 24.40 13.45 4.35
N SER A 263 24.26 12.17 4.68
CA SER A 263 24.76 11.10 3.84
C SER A 263 23.95 9.81 3.94
N CYS A 264 23.42 9.34 2.81
CA CYS A 264 22.66 8.09 2.73
C CYS A 264 23.30 7.28 1.60
N GLY A 265 24.22 6.40 1.98
CA GLY A 265 24.93 5.57 1.02
C GLY A 265 26.07 6.36 0.43
N GLU A 266 26.06 6.51 -0.88
CA GLU A 266 27.11 7.26 -1.55
C GLU A 266 26.67 8.72 -1.71
N LYS A 267 25.45 9.01 -1.25
CA LYS A 267 24.90 10.36 -1.37
C LYS A 267 25.10 11.30 -0.19
N ARG A 268 25.36 12.56 -0.53
CA ARG A 268 25.53 13.60 0.48
C ARG A 268 24.73 14.85 0.10
N TYR A 269 24.50 15.70 1.09
CA TYR A 269 23.75 16.94 0.91
C TYR A 269 24.02 17.87 2.08
N THR A 270 24.15 19.16 1.78
CA THR A 270 24.41 20.17 2.80
C THR A 270 23.18 21.03 3.00
N ILE A 271 22.90 21.36 4.25
CA ILE A 271 21.72 22.15 4.52
C ILE A 271 21.91 23.03 5.74
N PRO A 272 21.50 24.30 5.65
CA PRO A 272 21.62 25.22 6.78
C PRO A 272 20.45 25.00 7.74
N VAL A 273 20.70 25.15 9.03
CA VAL A 273 19.67 24.96 10.04
C VAL A 273 19.53 26.23 10.89
N LEU A 274 18.29 26.72 11.03
CA LEU A 274 17.97 27.91 11.84
C LEU A 274 17.10 27.48 13.03
N HIS A 275 17.62 27.65 14.25
CA HIS A 275 16.87 27.28 15.45
C HIS A 275 16.37 28.53 16.19
N VAL A 276 15.07 28.81 16.12
CA VAL A 276 14.53 29.97 16.81
C VAL A 276 14.40 29.63 18.30
N LYS A 277 14.84 30.55 19.16
CA LYS A 277 14.83 30.29 20.59
C LYS A 277 14.01 31.16 21.54
N ASN A 278 13.25 32.13 21.03
CA ASN A 278 12.44 32.97 21.90
C ASN A 278 10.98 33.09 21.46
N TRP A 279 10.46 32.03 20.81
CA TRP A 279 9.08 32.00 20.34
C TRP A 279 8.27 31.03 21.21
N PRO A 280 7.63 31.55 22.25
CA PRO A 280 6.82 30.72 23.16
C PRO A 280 5.57 30.10 22.51
N ASP A 281 5.32 28.84 22.87
CA ASP A 281 4.16 28.12 22.36
C ASP A 281 2.85 28.84 22.67
N HIS A 282 2.01 28.97 21.65
CA HIS A 282 0.71 29.62 21.78
C HIS A 282 0.83 31.15 21.88
N GLN A 283 1.94 31.69 21.42
CA GLN A 283 2.18 33.13 21.48
C GLN A 283 2.91 33.64 20.22
N PRO A 284 2.99 34.97 20.05
CA PRO A 284 3.67 35.57 18.89
C PRO A 284 5.12 35.82 19.28
N LEU A 285 5.90 36.38 18.35
CA LEU A 285 7.29 36.70 18.63
C LEU A 285 7.29 38.04 19.37
N PRO A 286 8.39 38.36 20.07
CA PRO A 286 8.48 39.63 20.82
C PRO A 286 8.18 40.91 20.04
N SER A 287 8.50 40.95 18.76
CA SER A 287 8.22 42.15 17.94
C SER A 287 7.98 41.83 16.47
N THR A 288 7.21 42.66 15.81
CA THR A 288 6.92 42.49 14.40
C THR A 288 8.22 42.48 13.58
N ASP A 289 9.17 43.34 13.95
CA ASP A 289 10.46 43.43 13.25
C ASP A 289 11.16 42.07 13.18
N GLN A 290 11.13 41.35 14.32
CA GLN A 290 11.73 40.02 14.41
C GLN A 290 11.13 39.02 13.43
N LEU A 291 9.81 39.03 13.30
CA LEU A 291 9.18 38.09 12.38
C LEU A 291 9.63 38.44 10.96
N GLU A 292 9.65 39.74 10.66
CA GLU A 292 10.06 40.26 9.33
C GLU A 292 11.51 39.87 8.96
N TYR A 293 12.40 39.99 9.94
CA TYR A 293 13.80 39.66 9.77
C TYR A 293 13.96 38.12 9.58
N LEU A 294 13.32 37.32 10.44
CA LEU A 294 13.39 35.84 10.32
C LEU A 294 13.04 35.41 8.90
N ALA A 295 12.00 36.02 8.31
CA ALA A 295 11.56 35.69 6.94
C ALA A 295 12.66 35.94 5.89
N ASP A 296 13.30 37.08 5.99
CA ASP A 296 14.38 37.40 5.04
C ASP A 296 15.50 36.39 5.23
N ARG A 297 15.78 36.02 6.48
CA ARG A 297 16.84 35.04 6.76
C ARG A 297 16.54 33.72 6.05
N VAL A 298 15.41 33.11 6.42
CA VAL A 298 14.98 31.85 5.81
C VAL A 298 15.01 31.95 4.28
N LYS A 299 14.57 33.09 3.77
CA LYS A 299 14.56 33.31 2.33
C LYS A 299 15.97 33.19 1.75
N ASN A 300 16.94 33.76 2.45
CA ASN A 300 18.35 33.73 2.02
C ASN A 300 19.00 32.34 2.13
N LYS A 314 10.32 20.55 -4.16
CA LYS A 314 11.77 20.71 -4.40
C LYS A 314 12.32 22.11 -4.11
N HIS A 315 13.38 22.15 -3.31
CA HIS A 315 14.05 23.40 -2.91
C HIS A 315 13.18 24.35 -2.12
N LEU A 316 12.43 23.81 -1.18
CA LEU A 316 11.56 24.59 -0.32
C LEU A 316 12.04 24.42 1.11
N PRO A 317 11.69 25.36 2.02
CA PRO A 317 12.13 25.17 3.40
C PRO A 317 11.21 24.18 4.16
N MET A 318 11.77 23.50 5.15
CA MET A 318 11.02 22.54 5.94
C MET A 318 10.99 23.14 7.33
N ILE A 319 9.78 23.26 7.86
CA ILE A 319 9.53 23.89 9.15
C ILE A 319 8.76 23.01 10.15
N HIS A 320 9.08 23.14 11.45
CA HIS A 320 8.32 22.42 12.49
C HIS A 320 8.46 23.01 13.89
N CYS A 321 7.36 23.04 14.63
CA CYS A 321 7.36 23.49 16.03
C CYS A 321 7.20 22.19 16.82
N LEU A 322 6.07 22.03 17.54
CA LEU A 322 5.84 20.80 18.30
C LEU A 322 4.69 20.10 17.58
N GLY A 323 3.55 20.76 17.48
CA GLY A 323 2.42 20.15 16.77
C GLY A 323 2.45 20.31 15.26
N GLY A 324 3.22 21.27 14.77
CA GLY A 324 3.29 21.51 13.33
C GLY A 324 2.09 22.27 12.76
N VAL A 325 1.31 22.96 13.60
CA VAL A 325 0.14 23.70 13.13
C VAL A 325 0.12 25.20 13.48
N GLY A 326 0.55 25.58 14.68
CA GLY A 326 0.52 26.99 15.07
C GLY A 326 1.65 27.85 14.52
N ARG A 327 2.71 27.92 15.32
CA ARG A 327 3.89 28.68 14.97
C ARG A 327 4.34 28.35 13.55
N THR A 328 4.29 27.08 13.18
CA THR A 328 4.67 26.64 11.84
C THR A 328 3.81 27.36 10.77
N GLY A 329 2.50 27.47 11.00
CA GLY A 329 1.66 28.15 10.04
C GLY A 329 2.08 29.60 9.86
N THR A 330 2.24 30.27 11.00
CA THR A 330 2.62 31.67 11.04
C THR A 330 3.92 31.91 10.26
N MET A 331 4.94 31.12 10.54
CA MET A 331 6.20 31.25 9.84
C MET A 331 6.03 31.17 8.31
N ALA A 332 5.21 30.25 7.82
CA ALA A 332 5.04 30.11 6.38
C ALA A 332 4.29 31.30 5.77
N ALA A 333 3.26 31.77 6.46
CA ALA A 333 2.50 32.89 5.97
C ALA A 333 3.38 34.13 5.82
N ALA A 334 4.35 34.30 6.72
CA ALA A 334 5.23 35.45 6.66
C ALA A 334 6.09 35.41 5.40
N LEU A 335 6.40 34.20 4.91
CA LEU A 335 7.19 34.08 3.70
C LEU A 335 6.37 34.59 2.53
N VAL A 336 5.07 34.34 2.57
CA VAL A 336 4.20 34.79 1.49
C VAL A 336 4.18 36.33 1.42
N LEU A 337 3.94 36.95 2.57
CA LEU A 337 3.87 38.40 2.68
C LEU A 337 5.10 39.09 2.11
N LYS A 338 6.29 38.54 2.34
CA LYS A 338 7.52 39.13 1.82
C LYS A 338 7.50 39.37 0.31
N ASP A 339 6.97 38.41 -0.45
CA ASP A 339 6.93 38.52 -1.90
C ASP A 339 5.73 39.22 -2.50
N ASN A 340 4.61 39.19 -1.80
CA ASN A 340 3.37 39.83 -2.28
C ASN A 340 2.62 40.37 -1.07
N PRO A 341 3.14 41.45 -0.48
CA PRO A 341 2.58 42.11 0.71
C PRO A 341 1.10 42.44 0.74
N HIS A 342 0.42 42.43 -0.42
CA HIS A 342 -1.03 42.70 -0.46
C HIS A 342 -1.83 41.42 -0.31
N SER A 343 -1.14 40.28 -0.26
CA SER A 343 -1.81 38.97 -0.13
C SER A 343 -2.90 38.92 0.95
N ASN A 344 -4.05 38.34 0.58
CA ASN A 344 -5.17 38.19 1.50
C ASN A 344 -4.84 37.10 2.54
N LEU A 345 -4.62 37.51 3.79
CA LEU A 345 -4.28 36.58 4.86
C LEU A 345 -5.41 35.60 5.20
N GLU A 346 -6.64 35.98 4.87
CA GLU A 346 -7.76 35.10 5.14
C GLU A 346 -7.68 33.96 4.13
N GLN A 347 -7.28 34.28 2.91
CA GLN A 347 -7.17 33.25 1.87
C GLN A 347 -6.02 32.30 2.13
N VAL A 348 -4.93 32.84 2.65
CA VAL A 348 -3.75 32.07 2.97
C VAL A 348 -4.07 30.97 3.99
N ARG A 349 -4.78 31.37 5.04
CA ARG A 349 -5.17 30.47 6.13
C ARG A 349 -6.07 29.37 5.61
N ALA A 350 -6.95 29.73 4.68
CA ALA A 350 -7.88 28.79 4.09
C ALA A 350 -7.16 27.79 3.19
N ASP A 351 -6.19 28.26 2.43
CA ASP A 351 -5.44 27.38 1.54
C ASP A 351 -4.52 26.46 2.37
N PHE A 352 -3.92 26.99 3.43
CA PHE A 352 -3.05 26.18 4.29
C PHE A 352 -3.85 25.05 4.94
N ARG A 353 -5.02 25.39 5.48
CA ARG A 353 -5.85 24.38 6.13
C ARG A 353 -6.22 23.26 5.15
N ASP A 354 -6.49 23.61 3.90
CA ASP A 354 -6.82 22.64 2.84
C ASP A 354 -5.59 21.83 2.40
N SER A 355 -4.39 22.19 2.88
CA SER A 355 -3.13 21.54 2.52
C SER A 355 -2.58 20.61 3.58
N ARG A 356 -3.02 20.79 4.84
CA ARG A 356 -2.53 19.95 5.95
C ARG A 356 -3.70 19.55 6.84
N ASN A 357 -4.26 20.51 7.54
CA ASN A 357 -5.44 20.23 8.36
C ASN A 357 -6.02 21.52 8.92
N ASN A 358 -7.20 21.40 9.53
CA ASN A 358 -7.93 22.56 10.05
C ASN A 358 -7.41 23.29 11.28
N ARG A 359 -6.30 22.83 11.84
CA ARG A 359 -5.69 23.52 12.98
C ARG A 359 -4.56 24.51 12.53
N MET A 360 -4.24 24.57 11.23
CA MET A 360 -3.21 25.48 10.76
C MET A 360 -3.56 26.90 11.17
N LEU A 361 -2.63 27.56 11.87
CA LEU A 361 -2.80 28.94 12.31
C LEU A 361 -3.99 29.13 13.26
N GLU A 362 -4.13 28.23 14.23
CA GLU A 362 -5.24 28.26 15.17
C GLU A 362 -5.11 29.28 16.31
N ASP A 363 -3.89 29.80 16.55
CA ASP A 363 -3.70 30.80 17.61
C ASP A 363 -4.00 32.23 17.09
N ALA A 364 -4.99 32.90 17.69
CA ALA A 364 -5.42 34.24 17.33
C ALA A 364 -4.32 35.32 17.41
N SER A 365 -3.59 35.35 18.52
CA SER A 365 -2.56 36.34 18.69
C SER A 365 -1.50 36.34 17.59
N GLN A 366 -1.24 35.20 16.98
CA GLN A 366 -0.23 35.17 15.94
C GLN A 366 -0.80 35.74 14.63
N PHE A 367 -2.10 35.59 14.41
CA PHE A 367 -2.70 36.10 13.18
C PHE A 367 -2.67 37.62 13.22
N VAL A 368 -2.72 38.16 14.44
CA VAL A 368 -2.68 39.60 14.66
C VAL A 368 -1.31 40.15 14.28
N GLN A 369 -0.26 39.47 14.72
CA GLN A 369 1.10 39.89 14.41
C GLN A 369 1.37 39.89 12.92
N LEU A 370 0.72 38.97 12.20
CA LEU A 370 0.90 38.86 10.77
C LEU A 370 0.27 40.06 10.08
N LYS A 371 -0.92 40.46 10.49
CA LYS A 371 -1.54 41.61 9.85
C LYS A 371 -0.75 42.89 10.14
N ALA A 372 -0.03 42.90 11.26
CA ALA A 372 0.80 44.03 11.64
C ALA A 372 2.03 44.07 10.73
N MET A 373 2.52 42.90 10.35
CA MET A 373 3.68 42.82 9.45
C MET A 373 3.25 43.30 8.07
N GLN A 374 2.02 42.98 7.69
CA GLN A 374 1.49 43.38 6.40
C GLN A 374 1.45 44.90 6.35
N ALA A 375 0.77 45.48 7.32
CA ALA A 375 0.61 46.93 7.39
C ALA A 375 1.95 47.67 7.36
N GLN A 376 2.90 47.25 8.19
CA GLN A 376 4.21 47.88 8.26
C GLN A 376 4.93 47.82 6.92
N LEU A 377 4.78 46.68 6.24
CA LEU A 377 5.44 46.42 4.99
C LEU A 377 4.90 47.28 3.85
N LEU A 378 3.61 47.58 3.89
CA LEU A 378 3.01 48.42 2.86
C LEU A 378 3.34 49.88 3.16
N MET A 379 3.96 50.11 4.31
CA MET A 379 4.34 51.46 4.74
C MET A 379 5.75 51.84 4.24
N MET B 1 -21.56 -16.07 -36.51
CA MET B 1 -20.81 -16.12 -35.21
C MET B 1 -21.73 -16.21 -33.99
N GLN B 2 -21.41 -17.15 -33.09
CA GLN B 2 -22.18 -17.37 -31.85
C GLN B 2 -21.42 -16.93 -30.61
N ALA B 3 -22.12 -16.96 -29.49
CA ALA B 3 -21.54 -16.60 -28.20
C ALA B 3 -21.57 -17.81 -27.26
N ILE B 4 -20.55 -17.91 -26.39
CA ILE B 4 -20.46 -19.00 -25.42
C ILE B 4 -19.86 -18.49 -24.11
N LYS B 5 -20.53 -18.83 -23.01
CA LYS B 5 -20.12 -18.42 -21.69
C LYS B 5 -19.39 -19.55 -20.95
N CYS B 6 -18.15 -19.28 -20.55
CA CYS B 6 -17.32 -20.24 -19.83
C CYS B 6 -16.86 -19.71 -18.46
N VAL B 7 -17.09 -20.51 -17.43
CA VAL B 7 -16.71 -20.12 -16.06
C VAL B 7 -15.53 -20.95 -15.55
N VAL B 8 -14.60 -20.29 -14.86
CA VAL B 8 -13.36 -20.90 -14.33
C VAL B 8 -13.26 -20.88 -12.78
N VAL B 9 -13.16 -22.05 -12.16
CA VAL B 9 -13.07 -22.09 -10.68
C VAL B 9 -11.99 -23.05 -10.16
N GLY B 10 -11.74 -23.02 -8.85
CA GLY B 10 -10.74 -23.88 -8.23
C GLY B 10 -10.05 -23.17 -7.08
N ASP B 11 -9.22 -23.89 -6.30
CA ASP B 11 -8.53 -23.33 -5.16
C ASP B 11 -7.74 -22.05 -5.44
N GLY B 12 -7.57 -21.22 -4.42
CA GLY B 12 -6.82 -20.00 -4.59
C GLY B 12 -5.35 -20.21 -4.95
N ALA B 13 -4.90 -19.46 -5.97
CA ALA B 13 -3.50 -19.48 -6.46
C ALA B 13 -3.12 -20.59 -7.42
N VAL B 14 -4.06 -21.41 -7.91
CA VAL B 14 -3.66 -22.47 -8.84
C VAL B 14 -3.36 -21.91 -10.24
N GLY B 15 -3.49 -20.59 -10.44
CA GLY B 15 -3.19 -20.00 -11.74
C GLY B 15 -4.32 -19.73 -12.73
N LYS B 16 -5.53 -19.46 -12.22
CA LYS B 16 -6.68 -19.17 -13.08
C LYS B 16 -6.55 -17.90 -13.95
N THR B 17 -6.14 -16.82 -13.29
CA THR B 17 -5.95 -15.53 -13.93
C THR B 17 -4.78 -15.54 -14.95
N CYS B 18 -3.63 -16.10 -14.56
CA CYS B 18 -2.48 -16.16 -15.47
C CYS B 18 -2.81 -16.93 -16.74
N LEU B 19 -3.61 -17.97 -16.57
CA LEU B 19 -4.04 -18.81 -17.68
C LEU B 19 -4.92 -18.02 -18.70
N LEU B 20 -5.83 -17.22 -18.16
CA LEU B 20 -6.75 -16.43 -18.98
C LEU B 20 -6.05 -15.27 -19.70
N ILE B 21 -5.14 -14.61 -19.03
CA ILE B 21 -4.43 -13.50 -19.64
C ILE B 21 -3.47 -13.95 -20.73
N SER B 22 -2.75 -15.05 -20.47
CA SER B 22 -1.81 -15.57 -21.49
C SER B 22 -2.59 -15.93 -22.73
N TYR B 23 -3.71 -16.59 -22.54
CA TYR B 23 -4.50 -17.01 -23.70
C TYR B 23 -5.10 -15.82 -24.51
N THR B 24 -5.69 -14.83 -23.83
CA THR B 24 -6.31 -13.69 -24.56
C THR B 24 -5.34 -12.64 -25.12
N THR B 25 -4.24 -12.37 -24.41
CA THR B 25 -3.27 -11.35 -24.83
C THR B 25 -1.94 -11.88 -25.43
N ASN B 26 -1.67 -13.17 -25.21
CA ASN B 26 -0.43 -13.82 -25.65
C ASN B 26 0.77 -13.35 -24.86
N ALA B 27 0.55 -12.92 -23.62
CA ALA B 27 1.60 -12.45 -22.73
C ALA B 27 1.29 -12.80 -21.27
N PHE B 28 2.29 -13.30 -20.53
CA PHE B 28 2.13 -13.68 -19.12
C PHE B 28 2.01 -12.37 -18.30
N PRO B 29 1.18 -12.36 -17.24
CA PRO B 29 1.00 -11.16 -16.39
C PRO B 29 2.32 -10.54 -15.88
N GLY B 30 2.45 -9.22 -15.98
CA GLY B 30 3.64 -8.55 -15.50
C GLY B 30 3.69 -8.42 -13.98
N GLU B 31 2.52 -8.49 -13.34
CA GLU B 31 2.43 -8.39 -11.87
C GLU B 31 1.21 -9.21 -11.38
N TYR B 32 1.11 -9.40 -10.06
CA TYR B 32 0.00 -10.14 -9.47
C TYR B 32 -1.18 -9.25 -9.08
N ILE B 33 -2.37 -9.57 -9.57
CA ILE B 33 -3.54 -8.81 -9.22
C ILE B 33 -4.58 -9.74 -8.57
N PRO B 34 -4.91 -9.53 -7.28
CA PRO B 34 -5.91 -10.40 -6.64
C PRO B 34 -7.26 -10.36 -7.37
N THR B 35 -7.90 -11.50 -7.60
CA THR B 35 -9.21 -11.50 -8.27
C THR B 35 -10.40 -11.58 -7.29
N VAL B 36 -11.39 -10.72 -7.48
CA VAL B 36 -12.62 -10.76 -6.66
C VAL B 36 -13.61 -11.35 -7.65
N PHE B 37 -13.57 -10.78 -8.86
CA PHE B 37 -14.36 -11.25 -10.00
C PHE B 37 -13.96 -10.45 -11.24
N ASP B 38 -14.06 -11.05 -12.42
CA ASP B 38 -13.65 -10.40 -13.67
C ASP B 38 -14.21 -11.07 -14.92
N ASN B 39 -14.15 -10.34 -16.04
CA ASN B 39 -14.64 -10.80 -17.35
C ASN B 39 -13.61 -10.59 -18.46
N TYR B 40 -13.45 -11.57 -19.35
CA TYR B 40 -12.51 -11.44 -20.47
C TYR B 40 -13.22 -11.89 -21.74
N SER B 41 -12.65 -11.57 -22.90
CA SER B 41 -13.27 -11.94 -24.16
C SER B 41 -12.25 -12.38 -25.23
N ALA B 42 -12.69 -13.22 -26.17
CA ALA B 42 -11.82 -13.69 -27.26
C ALA B 42 -12.59 -14.12 -28.52
N ASN B 43 -12.00 -13.85 -29.67
CA ASN B 43 -12.63 -14.23 -30.92
C ASN B 43 -11.80 -15.35 -31.56
N VAL B 44 -12.40 -16.52 -31.71
CA VAL B 44 -11.67 -17.65 -32.30
C VAL B 44 -12.45 -18.50 -33.30
N MET B 45 -11.73 -19.09 -34.24
CA MET B 45 -12.34 -19.94 -35.24
C MET B 45 -11.97 -21.37 -34.86
N VAL B 46 -12.96 -22.20 -34.61
CA VAL B 46 -12.67 -23.58 -34.24
C VAL B 46 -13.48 -24.50 -35.13
N ASP B 47 -12.78 -25.33 -35.90
CA ASP B 47 -13.40 -26.28 -36.82
C ASP B 47 -14.27 -25.58 -37.85
N GLY B 48 -13.85 -24.39 -38.27
CA GLY B 48 -14.59 -23.63 -39.26
C GLY B 48 -15.73 -22.78 -38.72
N LYS B 49 -15.89 -22.73 -37.40
CA LYS B 49 -16.98 -21.96 -36.81
C LYS B 49 -16.50 -20.73 -36.03
N PRO B 50 -16.93 -19.53 -36.46
CA PRO B 50 -16.52 -18.32 -35.75
C PRO B 50 -17.26 -18.23 -34.40
N VAL B 51 -16.50 -17.96 -33.34
CA VAL B 51 -17.09 -17.90 -32.00
C VAL B 51 -16.54 -16.77 -31.15
N ASN B 52 -17.45 -16.08 -30.47
CA ASN B 52 -17.07 -15.03 -29.56
C ASN B 52 -17.16 -15.72 -28.18
N LEU B 53 -16.02 -15.89 -27.51
CA LEU B 53 -15.99 -16.59 -26.21
C LEU B 53 -16.00 -15.70 -24.97
N GLY B 54 -17.01 -15.93 -24.11
CA GLY B 54 -17.15 -15.18 -22.86
C GLY B 54 -16.52 -15.89 -21.66
N LEU B 55 -15.54 -15.25 -21.03
CA LEU B 55 -14.84 -15.88 -19.91
C LEU B 55 -15.01 -15.24 -18.55
N TRP B 56 -15.33 -16.06 -17.54
CA TRP B 56 -15.57 -15.55 -16.18
C TRP B 56 -14.61 -16.05 -15.06
N ASP B 57 -13.75 -15.13 -14.59
CA ASP B 57 -12.73 -15.34 -13.52
C ASP B 57 -13.40 -15.22 -12.13
N THR B 58 -13.10 -16.15 -11.21
CA THR B 58 -13.69 -16.11 -9.85
C THR B 58 -12.70 -16.13 -8.68
N ALA B 59 -13.24 -16.06 -7.46
CA ALA B 59 -12.41 -16.07 -6.25
C ALA B 59 -12.52 -17.44 -5.55
N GLY B 60 -11.36 -18.05 -5.27
CA GLY B 60 -11.33 -19.37 -4.66
C GLY B 60 -11.40 -19.46 -3.14
N GLN B 61 -11.21 -18.34 -2.47
CA GLN B 61 -11.25 -18.32 -1.02
C GLN B 61 -12.65 -18.67 -0.51
N GLU B 62 -12.72 -19.27 0.68
CA GLU B 62 -14.00 -19.70 1.22
C GLU B 62 -14.93 -18.64 1.79
N ASP B 63 -14.39 -17.47 2.09
CA ASP B 63 -15.28 -16.41 2.56
C ASP B 63 -16.05 -15.83 1.36
N TYR B 64 -15.76 -16.30 0.14
CA TYR B 64 -16.49 -15.80 -1.05
C TYR B 64 -17.50 -16.88 -1.52
N ASP B 65 -17.67 -17.94 -0.74
CA ASP B 65 -18.60 -19.03 -1.12
C ASP B 65 -20.03 -18.59 -1.46
N ARG B 66 -20.52 -17.56 -0.78
CA ARG B 66 -21.86 -17.07 -1.02
C ARG B 66 -21.96 -16.05 -2.15
N LEU B 67 -20.81 -15.53 -2.59
CA LEU B 67 -20.82 -14.54 -3.65
C LEU B 67 -20.49 -15.15 -5.00
N ARG B 68 -19.58 -16.13 -5.00
CA ARG B 68 -19.16 -16.82 -6.23
C ARG B 68 -20.30 -17.37 -7.11
N PRO B 69 -21.32 -17.98 -6.48
CA PRO B 69 -22.47 -18.56 -7.18
C PRO B 69 -23.27 -17.63 -8.10
N LEU B 70 -23.13 -16.34 -7.87
CA LEU B 70 -23.82 -15.35 -8.70
C LEU B 70 -23.26 -15.35 -10.12
N SER B 71 -22.14 -16.05 -10.35
CA SER B 71 -21.52 -16.12 -11.66
C SER B 71 -22.01 -17.30 -12.49
N TYR B 72 -22.56 -18.32 -11.84
CA TYR B 72 -23.04 -19.54 -12.51
C TYR B 72 -24.28 -19.49 -13.41
N PRO B 73 -25.15 -18.50 -13.24
CA PRO B 73 -26.34 -18.50 -14.10
C PRO B 73 -26.10 -18.44 -15.62
N GLN B 74 -26.72 -19.37 -16.34
CA GLN B 74 -26.62 -19.48 -17.80
C GLN B 74 -25.23 -19.89 -18.36
N THR B 75 -24.46 -20.63 -17.58
CA THR B 75 -23.12 -21.10 -17.99
C THR B 75 -23.20 -22.15 -19.09
N ASP B 76 -22.38 -22.04 -20.14
CA ASP B 76 -22.41 -23.08 -21.18
C ASP B 76 -21.47 -24.25 -20.88
N VAL B 77 -20.39 -24.01 -20.14
CA VAL B 77 -19.38 -25.04 -19.83
C VAL B 77 -18.47 -24.52 -18.74
N SER B 78 -18.07 -25.40 -17.81
CA SER B 78 -17.21 -25.04 -16.67
C SER B 78 -15.83 -25.74 -16.69
N LEU B 79 -14.82 -25.02 -16.17
CA LEU B 79 -13.47 -25.54 -16.03
C LEU B 79 -13.12 -25.63 -14.55
N ILE B 80 -12.86 -26.85 -14.04
CA ILE B 80 -12.47 -26.98 -12.63
C ILE B 80 -10.96 -27.18 -12.68
N CYS B 81 -10.23 -26.29 -12.01
CA CYS B 81 -8.78 -26.28 -12.01
C CYS B 81 -8.12 -26.65 -10.65
N PHE B 82 -6.98 -27.34 -10.73
CA PHE B 82 -6.16 -27.69 -9.54
C PHE B 82 -4.66 -27.69 -9.99
N SER B 83 -3.74 -27.27 -9.13
CA SER B 83 -2.31 -27.22 -9.47
C SER B 83 -1.63 -28.61 -9.40
N LEU B 84 -0.99 -29.03 -10.49
CA LEU B 84 -0.31 -30.33 -10.53
C LEU B 84 0.76 -30.48 -9.45
N VAL B 85 1.10 -29.39 -8.77
CA VAL B 85 2.09 -29.45 -7.69
C VAL B 85 1.55 -29.06 -6.30
N SER B 86 0.23 -29.23 -6.10
CA SER B 86 -0.42 -28.97 -4.80
C SER B 86 -1.51 -30.02 -4.56
N PRO B 87 -1.14 -31.16 -3.95
CA PRO B 87 -2.10 -32.24 -3.68
C PRO B 87 -3.35 -31.82 -2.88
N ALA B 88 -3.23 -30.81 -2.02
CA ALA B 88 -4.43 -30.41 -1.31
C ALA B 88 -5.42 -29.70 -2.25
N SER B 89 -4.93 -29.05 -3.30
CA SER B 89 -5.84 -28.35 -4.23
C SER B 89 -6.57 -29.39 -5.09
N PHE B 90 -5.91 -30.55 -5.20
CA PHE B 90 -6.40 -31.70 -5.97
C PHE B 90 -7.52 -32.43 -5.19
N GLU B 91 -7.34 -32.62 -3.88
CA GLU B 91 -8.34 -33.30 -3.07
C GLU B 91 -9.65 -32.48 -3.02
N ASN B 92 -9.52 -31.15 -3.04
CA ASN B 92 -10.67 -30.27 -3.00
C ASN B 92 -11.48 -30.26 -4.29
N VAL B 93 -11.04 -31.02 -5.27
CA VAL B 93 -11.80 -31.12 -6.51
C VAL B 93 -13.03 -32.00 -6.21
N ARG B 94 -12.84 -33.05 -5.41
CA ARG B 94 -13.95 -33.94 -5.08
C ARG B 94 -14.69 -33.55 -3.81
N ALA B 95 -13.99 -32.87 -2.88
CA ALA B 95 -14.61 -32.47 -1.61
C ALA B 95 -15.38 -31.16 -1.66
N LYS B 96 -15.10 -30.31 -2.66
CA LYS B 96 -15.78 -29.02 -2.77
C LYS B 96 -16.20 -28.50 -4.16
N TRP B 97 -15.25 -28.34 -5.08
CA TRP B 97 -15.60 -27.80 -6.38
C TRP B 97 -16.59 -28.63 -7.22
N TYR B 98 -16.38 -29.95 -7.27
CA TYR B 98 -17.31 -30.79 -8.04
C TYR B 98 -18.74 -30.64 -7.49
N PRO B 99 -18.94 -30.81 -6.17
CA PRO B 99 -20.28 -30.67 -5.57
C PRO B 99 -20.91 -29.27 -5.75
N GLU B 100 -20.11 -28.21 -5.70
CA GLU B 100 -20.67 -26.85 -5.86
C GLU B 100 -21.12 -26.56 -7.29
N VAL B 101 -20.27 -26.92 -8.25
CA VAL B 101 -20.58 -26.69 -9.66
C VAL B 101 -21.76 -27.51 -10.19
N ARG B 102 -21.86 -28.78 -9.80
CA ARG B 102 -22.95 -29.61 -10.29
C ARG B 102 -24.29 -29.15 -9.71
N HIS B 103 -24.25 -28.59 -8.51
CA HIS B 103 -25.47 -28.10 -7.86
C HIS B 103 -26.04 -26.86 -8.53
N HIS B 104 -25.18 -25.96 -8.99
CA HIS B 104 -25.62 -24.70 -9.61
C HIS B 104 -25.74 -24.80 -11.11
N CYS B 105 -25.01 -25.73 -11.69
CA CYS B 105 -25.05 -25.89 -13.13
C CYS B 105 -25.51 -27.32 -13.31
N PRO B 106 -26.78 -27.59 -12.94
CA PRO B 106 -27.38 -28.92 -13.04
C PRO B 106 -26.74 -29.69 -14.15
N ASN B 107 -27.06 -29.41 -15.40
CA ASN B 107 -26.40 -30.22 -16.36
C ASN B 107 -25.79 -29.73 -17.64
N THR B 108 -24.64 -29.11 -17.48
CA THR B 108 -23.85 -28.62 -18.56
C THR B 108 -22.50 -29.38 -18.31
N PRO B 109 -21.63 -29.47 -19.34
CA PRO B 109 -20.34 -30.15 -19.33
C PRO B 109 -19.23 -29.53 -18.43
N ILE B 110 -18.42 -30.39 -17.80
CA ILE B 110 -17.29 -29.97 -16.96
C ILE B 110 -15.96 -30.50 -17.56
N ILE B 111 -14.91 -29.67 -17.60
CA ILE B 111 -13.57 -30.05 -18.10
C ILE B 111 -12.64 -29.96 -16.86
N LEU B 112 -11.81 -30.98 -16.62
CA LEU B 112 -10.90 -30.94 -15.45
C LEU B 112 -9.52 -30.53 -15.96
N VAL B 113 -8.98 -29.44 -15.37
CA VAL B 113 -7.68 -28.90 -15.79
C VAL B 113 -6.57 -28.97 -14.73
N GLY B 114 -5.45 -29.58 -15.11
CA GLY B 114 -4.28 -29.63 -14.23
C GLY B 114 -3.37 -28.50 -14.70
N THR B 115 -2.99 -27.61 -13.79
CA THR B 115 -2.15 -26.44 -14.12
C THR B 115 -0.67 -26.48 -13.72
N LYS B 116 0.10 -25.53 -14.28
CA LYS B 116 1.53 -25.38 -13.98
C LYS B 116 2.35 -26.63 -14.35
N LEU B 117 2.05 -27.17 -15.54
CA LEU B 117 2.74 -28.32 -16.07
C LEU B 117 4.28 -28.13 -15.98
N ASP B 118 4.75 -26.91 -16.26
CA ASP B 118 6.17 -26.63 -16.23
C ASP B 118 6.88 -26.85 -14.88
N LEU B 119 6.14 -27.03 -13.79
CA LEU B 119 6.79 -27.26 -12.48
C LEU B 119 6.82 -28.72 -12.02
N ARG B 120 6.10 -29.61 -12.71
CA ARG B 120 6.05 -31.03 -12.31
C ARG B 120 7.42 -31.74 -12.31
N ASP B 121 8.24 -31.48 -13.32
CA ASP B 121 9.57 -32.07 -13.42
C ASP B 121 10.64 -31.08 -12.97
N ASP B 122 10.29 -30.13 -12.09
CA ASP B 122 11.26 -29.14 -11.61
C ASP B 122 11.86 -29.56 -10.27
N LYS B 123 13.18 -29.81 -10.29
CA LYS B 123 13.89 -30.26 -9.09
C LYS B 123 13.63 -29.48 -7.81
N ASP B 124 13.78 -28.15 -7.85
CA ASP B 124 13.55 -27.31 -6.66
C ASP B 124 12.12 -27.47 -6.12
N THR B 125 11.16 -27.68 -7.03
CA THR B 125 9.78 -27.86 -6.61
C THR B 125 9.62 -29.25 -6.00
N ILE B 126 10.23 -30.25 -6.64
CA ILE B 126 10.14 -31.63 -6.14
C ILE B 126 10.74 -31.79 -4.74
N GLU B 127 11.91 -31.20 -4.52
CA GLU B 127 12.55 -31.29 -3.23
C GLU B 127 11.75 -30.58 -2.14
N LYS B 128 11.02 -29.54 -2.52
CA LYS B 128 10.21 -28.81 -1.55
C LYS B 128 9.05 -29.70 -1.07
N LEU B 129 8.43 -30.43 -1.98
CA LEU B 129 7.32 -31.30 -1.64
C LEU B 129 7.84 -32.46 -0.77
N LYS B 130 8.97 -33.02 -1.17
CA LYS B 130 9.60 -34.14 -0.47
C LYS B 130 9.59 -33.93 1.05
N GLU B 131 9.89 -32.71 1.48
CA GLU B 131 9.91 -32.39 2.90
C GLU B 131 8.61 -32.75 3.60
N LYS B 132 7.51 -32.16 3.14
CA LYS B 132 6.19 -32.38 3.72
C LYS B 132 5.68 -33.80 3.40
N LYS B 133 6.57 -34.69 2.97
CA LYS B 133 6.15 -36.04 2.62
C LYS B 133 5.14 -35.99 1.48
N LEU B 134 5.38 -35.10 0.51
CA LEU B 134 4.48 -34.96 -0.64
C LEU B 134 5.15 -35.22 -1.98
N THR B 135 4.31 -35.32 -3.02
CA THR B 135 4.77 -35.57 -4.37
C THR B 135 3.75 -35.03 -5.38
N PRO B 136 4.20 -34.66 -6.61
CA PRO B 136 3.32 -34.13 -7.66
C PRO B 136 2.22 -35.10 -8.11
N ILE B 137 1.12 -34.56 -8.64
CA ILE B 137 0.01 -35.37 -9.14
C ILE B 137 0.40 -35.80 -10.54
N THR B 138 0.24 -37.08 -10.81
CA THR B 138 0.59 -37.66 -12.10
C THR B 138 -0.55 -37.62 -13.11
N TYR B 139 -0.22 -37.81 -14.38
CA TYR B 139 -1.27 -37.78 -15.40
C TYR B 139 -2.36 -38.83 -15.12
N PRO B 140 -1.94 -40.07 -14.79
CA PRO B 140 -2.89 -41.17 -14.51
C PRO B 140 -3.85 -40.80 -13.39
N GLN B 141 -3.31 -40.21 -12.32
CA GLN B 141 -4.13 -39.81 -11.18
C GLN B 141 -5.17 -38.76 -11.61
N GLY B 142 -4.75 -37.79 -12.41
CA GLY B 142 -5.67 -36.76 -12.88
C GLY B 142 -6.82 -37.37 -13.66
N LEU B 143 -6.48 -38.25 -14.59
CA LEU B 143 -7.48 -38.93 -15.44
C LEU B 143 -8.47 -39.68 -14.53
N ALA B 144 -7.92 -40.39 -13.53
CA ALA B 144 -8.75 -41.12 -12.59
C ALA B 144 -9.74 -40.20 -11.84
N MET B 145 -9.32 -39.01 -11.43
CA MET B 145 -10.22 -38.08 -10.73
C MET B 145 -11.28 -37.58 -11.70
N ALA B 146 -10.90 -37.40 -12.96
CA ALA B 146 -11.81 -36.92 -13.99
C ALA B 146 -12.97 -37.89 -14.16
N LYS B 147 -12.68 -39.18 -14.21
CA LYS B 147 -13.74 -40.15 -14.34
C LYS B 147 -14.60 -40.22 -13.07
N GLU B 148 -13.99 -40.04 -11.90
CA GLU B 148 -14.72 -40.10 -10.63
C GLU B 148 -15.79 -39.04 -10.48
N ILE B 149 -15.60 -37.91 -11.14
CA ILE B 149 -16.56 -36.82 -11.04
C ILE B 149 -17.43 -36.61 -12.26
N GLY B 150 -17.18 -37.37 -13.32
CA GLY B 150 -17.97 -37.22 -14.53
C GLY B 150 -17.54 -36.17 -15.54
N ALA B 151 -16.28 -35.71 -15.48
CA ALA B 151 -15.81 -34.70 -16.44
C ALA B 151 -15.75 -35.26 -17.86
N VAL B 152 -16.08 -34.45 -18.86
CA VAL B 152 -16.03 -34.93 -20.24
C VAL B 152 -14.60 -34.98 -20.81
N LYS B 153 -13.65 -34.37 -20.11
CA LYS B 153 -12.24 -34.35 -20.55
C LYS B 153 -11.22 -33.94 -19.47
N TYR B 154 -10.00 -34.46 -19.59
CA TYR B 154 -8.91 -34.14 -18.66
C TYR B 154 -7.76 -33.55 -19.48
N LEU B 155 -7.34 -32.33 -19.16
CA LEU B 155 -6.27 -31.68 -19.92
C LEU B 155 -5.25 -30.96 -19.04
N GLU B 156 -3.97 -31.02 -19.42
CA GLU B 156 -2.92 -30.33 -18.64
C GLU B 156 -2.35 -29.16 -19.44
N CYS B 157 -1.88 -28.11 -18.75
CA CYS B 157 -1.32 -26.94 -19.47
C CYS B 157 -0.38 -26.10 -18.61
N SER B 158 0.23 -25.09 -19.25
CA SER B 158 1.14 -24.14 -18.58
C SER B 158 0.96 -22.72 -19.13
N ALA B 159 0.70 -21.76 -18.24
CA ALA B 159 0.46 -20.37 -18.61
C ALA B 159 1.80 -19.73 -18.98
N LEU B 160 2.85 -20.16 -18.28
CA LEU B 160 4.19 -19.65 -18.49
C LEU B 160 4.79 -20.03 -19.84
N THR B 161 4.68 -21.30 -20.25
CA THR B 161 5.25 -21.69 -21.54
C THR B 161 4.22 -21.64 -22.66
N GLN B 162 2.95 -21.51 -22.26
CA GLN B 162 1.78 -21.45 -23.16
C GLN B 162 1.39 -22.76 -23.86
N ARG B 163 2.10 -23.81 -23.49
CA ARG B 163 1.89 -25.14 -24.02
C ARG B 163 0.53 -25.75 -23.53
N GLY B 164 -0.31 -26.17 -24.47
CA GLY B 164 -1.60 -26.76 -24.14
C GLY B 164 -2.74 -25.79 -23.88
N LEU B 165 -2.44 -24.50 -23.90
CA LEU B 165 -3.43 -23.45 -23.67
C LEU B 165 -4.55 -23.41 -24.72
N LYS B 166 -4.17 -23.23 -25.97
CA LYS B 166 -5.14 -23.18 -27.06
C LYS B 166 -6.10 -24.38 -27.05
N THR B 167 -5.55 -25.55 -26.76
CA THR B 167 -6.32 -26.78 -26.74
C THR B 167 -7.42 -26.84 -25.69
N VAL B 168 -7.16 -26.25 -24.55
CA VAL B 168 -8.16 -26.24 -23.49
C VAL B 168 -9.40 -25.54 -23.96
N PHE B 169 -9.22 -24.36 -24.56
CA PHE B 169 -10.37 -23.61 -25.01
C PHE B 169 -11.04 -24.15 -26.26
N ASP B 170 -10.25 -24.78 -27.16
CA ASP B 170 -10.84 -25.38 -28.34
C ASP B 170 -11.75 -26.51 -27.85
N GLU B 171 -11.27 -27.30 -26.89
CA GLU B 171 -12.05 -28.41 -26.36
C GLU B 171 -13.24 -27.93 -25.53
N ALA B 172 -13.12 -26.76 -24.90
CA ALA B 172 -14.23 -26.22 -24.10
C ALA B 172 -15.36 -25.87 -25.07
N ILE B 173 -15.01 -25.23 -26.18
CA ILE B 173 -15.98 -24.87 -27.20
C ILE B 173 -16.59 -26.13 -27.82
N ARG B 174 -15.73 -27.06 -28.19
CA ARG B 174 -16.15 -28.31 -28.81
C ARG B 174 -17.20 -29.08 -27.98
N ALA B 175 -17.04 -29.09 -26.66
CA ALA B 175 -17.97 -29.82 -25.81
C ALA B 175 -19.34 -29.17 -25.84
N VAL B 176 -19.40 -27.87 -26.09
CA VAL B 176 -20.67 -27.19 -26.16
C VAL B 176 -21.38 -27.40 -27.50
N LEU B 177 -20.66 -27.26 -28.62
CA LEU B 177 -21.25 -27.45 -29.95
C LEU B 177 -21.18 -28.89 -30.43
N CYS B 178 -21.03 -29.80 -29.48
CA CYS B 178 -20.90 -31.22 -29.77
C CYS B 178 -22.16 -31.99 -30.17
N PRO B 179 -22.04 -32.83 -31.22
CA PRO B 179 -23.11 -33.66 -31.77
C PRO B 179 -23.35 -34.91 -30.94
N PRO B 180 -24.59 -35.43 -30.97
CA PRO B 180 -25.02 -36.64 -30.24
C PRO B 180 -24.52 -37.95 -30.85
#